data_4C1F
#
_entry.id   4C1F
#
_cell.length_a   193.620
_cell.length_b   49.910
_cell.length_c   54.620
_cell.angle_alpha   90.00
_cell.angle_beta   90.00
_cell.angle_gamma   90.00
#
_symmetry.space_group_name_H-M   'P 21 21 21'
#
loop_
_entity.id
_entity.type
_entity.pdbx_description
1 polymer 'BETA-LACTAMASE IMP-1'
2 non-polymer L-CAPTOPRIL
3 non-polymer 'SULFATE ION'
4 non-polymer 'ZINC ION'
5 water water
#
_entity_poly.entity_id   1
_entity_poly.type   'polypeptide(L)'
_entity_poly.pdbx_seq_one_letter_code
;AESLPDLKIEKLDEGVYVHTSFEEVNGWGVVPKHGLVVLVNAEAYLIDTPFTAKDTEKLVTWFVERGYKIKGSISSHFHS
DSTGGIEWLNSRSIPTYASELTNELLKKDGKVQATNSFSGVNYWLVKNKIEVFYPGPGHTPDNVVVWLPERKILFGGCFI
KPYGLGNLGDANIEAWPKSAKLLKSKYGKAKLVVPSHSEVGDASLLKLTLEQAVKGLNESKKPSKPSN
;
_entity_poly.pdbx_strand_id   A,B
#
loop_
_chem_comp.id
_chem_comp.type
_chem_comp.name
_chem_comp.formula
SO4 non-polymer 'SULFATE ION' 'O4 S -2'
X8Z non-polymer L-CAPTOPRIL 'C9 H15 N O3 S'
ZN non-polymer 'ZINC ION' 'Zn 2'
#
# COMPACT_ATOMS: atom_id res chain seq x y z
N SER A 3 -5.91 13.38 -10.10
CA SER A 3 -6.19 14.16 -8.90
C SER A 3 -6.13 13.31 -7.63
N LEU A 4 -5.16 13.59 -6.78
CA LEU A 4 -5.03 12.92 -5.49
C LEU A 4 -6.08 13.43 -4.52
N PRO A 5 -6.43 12.60 -3.55
CA PRO A 5 -7.39 13.00 -2.52
C PRO A 5 -6.82 14.13 -1.68
N ASP A 6 -7.69 15.01 -1.18
CA ASP A 6 -7.27 16.13 -0.36
C ASP A 6 -6.88 15.63 1.03
N LEU A 7 -6.13 16.45 1.76
CA LEU A 7 -5.70 16.09 3.09
C LEU A 7 -6.93 15.83 3.94
N LYS A 8 -6.89 14.75 4.72
CA LYS A 8 -7.99 14.41 5.63
C LYS A 8 -7.57 14.57 7.08
N ILE A 9 -8.44 15.15 7.89
CA ILE A 9 -8.25 15.21 9.32
C ILE A 9 -9.46 14.62 10.03
N GLU A 10 -9.25 13.64 10.91
CA GLU A 10 -10.36 13.03 11.65
C GLU A 10 -10.02 12.70 13.09
N LYS A 11 -10.99 12.84 13.98
CA LYS A 11 -10.77 12.55 15.38
C LYS A 11 -10.65 11.05 15.60
N LEU A 12 -9.60 10.64 16.28
CA LEU A 12 -9.41 9.25 16.63
C LEU A 12 -9.86 8.93 18.06
N ASP A 13 -9.61 9.87 18.97
CA ASP A 13 -9.86 9.72 20.40
C ASP A 13 -9.87 11.11 20.98
N GLU A 14 -10.24 11.25 22.25
CA GLU A 14 -10.27 12.58 22.81
C GLU A 14 -8.86 13.14 22.81
N GLY A 15 -8.72 14.34 22.25
CA GLY A 15 -7.44 15.01 22.19
C GLY A 15 -6.53 14.45 21.12
N VAL A 16 -7.03 13.49 20.33
CA VAL A 16 -6.26 12.86 19.29
C VAL A 16 -6.94 12.82 17.93
N TYR A 17 -6.21 13.29 16.92
CA TYR A 17 -6.66 13.34 15.54
C TYR A 17 -5.65 12.66 14.61
N VAL A 18 -6.16 12.03 13.57
CA VAL A 18 -5.32 11.44 12.55
C VAL A 18 -5.38 12.31 11.30
N HIS A 19 -4.23 12.62 10.73
CA HIS A 19 -4.20 13.32 9.48
C HIS A 19 -3.68 12.43 8.39
N THR A 20 -4.38 12.41 7.27
CA THR A 20 -4.01 11.56 6.16
C THR A 20 -3.70 12.40 4.92
N SER A 21 -2.52 12.16 4.36
CA SER A 21 -2.06 12.86 3.17
C SER A 21 -1.64 11.82 2.15
N PHE A 22 -1.61 12.22 0.90
CA PHE A 22 -1.43 11.30 -0.21
C PHE A 22 -0.40 11.81 -1.20
N GLU A 23 0.38 10.89 -1.74
CA GLU A 23 1.33 11.23 -2.76
C GLU A 23 1.49 10.10 -3.77
N GLU A 24 1.83 10.46 -5.00
CA GLU A 24 2.14 9.45 -5.98
C GLU A 24 3.63 9.20 -5.84
N VAL A 25 4.00 7.97 -5.54
CA VAL A 25 5.39 7.64 -5.29
C VAL A 25 5.91 6.78 -6.41
N ASN A 26 7.05 7.15 -6.98
CA ASN A 26 7.53 6.42 -8.14
C ASN A 26 7.81 4.98 -7.77
N GLY A 27 7.24 4.07 -8.55
CA GLY A 27 7.38 2.66 -8.30
C GLY A 27 6.44 2.09 -7.25
N TRP A 28 5.65 2.93 -6.60
CA TRP A 28 4.73 2.42 -5.61
C TRP A 28 3.29 2.80 -5.80
N GLY A 29 3.03 3.69 -6.75
CA GLY A 29 1.67 4.16 -6.95
C GLY A 29 1.29 5.16 -5.89
N VAL A 30 -0.01 5.35 -5.69
CA VAL A 30 -0.47 6.30 -4.69
C VAL A 30 -0.33 5.71 -3.30
N VAL A 31 0.38 6.45 -2.44
CA VAL A 31 0.59 6.04 -1.06
C VAL A 31 -0.08 7.01 -0.09
N PRO A 32 -0.96 6.47 0.74
CA PRO A 32 -1.56 7.24 1.83
C PRO A 32 -0.63 7.26 3.04
N LYS A 33 -0.53 8.39 3.72
CA LYS A 33 0.24 8.49 4.95
C LYS A 33 -0.58 9.04 6.11
N HIS A 34 -0.69 8.24 7.16
CA HIS A 34 -1.34 8.63 8.39
C HIS A 34 -0.38 9.26 9.35
N GLY A 35 -0.85 10.31 9.99
CA GLY A 35 -0.07 11.06 10.97
C GLY A 35 -1.02 11.38 12.09
N LEU A 36 -0.52 11.97 13.17
CA LEU A 36 -1.39 12.34 14.26
C LEU A 36 -1.20 13.79 14.66
N VAL A 37 -2.24 14.35 15.23
CA VAL A 37 -2.15 15.60 15.95
C VAL A 37 -2.68 15.34 17.35
N VAL A 38 -1.89 15.69 18.34
CA VAL A 38 -2.27 15.47 19.73
C VAL A 38 -2.42 16.81 20.42
N LEU A 39 -3.53 16.98 21.11
CA LEU A 39 -3.81 18.24 21.76
C LEU A 39 -3.63 18.17 23.26
N VAL A 40 -2.86 19.10 23.79
CA VAL A 40 -2.73 19.24 25.23
C VAL A 40 -3.21 20.65 25.57
N ASN A 41 -4.34 20.73 26.24
CA ASN A 41 -4.91 22.03 26.51
C ASN A 41 -5.11 22.77 25.19
N ALA A 42 -4.59 23.99 25.11
CA ALA A 42 -4.78 24.84 23.93
C ALA A 42 -3.62 24.70 22.96
N GLU A 43 -2.78 23.71 23.21
CA GLU A 43 -1.58 23.48 22.42
C GLU A 43 -1.71 22.21 21.58
N ALA A 44 -1.18 22.25 20.38
CA ALA A 44 -1.23 21.11 19.47
C ALA A 44 0.16 20.64 19.06
N TYR A 45 0.33 19.33 19.02
CA TYR A 45 1.59 18.70 18.66
C TYR A 45 1.39 17.83 17.42
N LEU A 46 2.26 18.02 16.43
CA LEU A 46 2.17 17.26 15.21
C LEU A 46 3.02 16.02 15.33
N ILE A 47 2.39 14.87 15.13
CA ILE A 47 3.13 13.64 15.06
C ILE A 47 3.26 13.30 13.58
N ASP A 48 4.42 13.65 13.03
CA ASP A 48 4.80 13.39 11.66
C ASP A 48 4.19 14.52 10.83
N THR A 49 4.87 14.91 9.77
CA THR A 49 4.35 15.98 8.93
C THR A 49 3.85 15.33 7.67
N PRO A 50 2.93 15.99 6.98
CA PRO A 50 2.45 15.45 5.72
C PRO A 50 3.58 15.55 4.71
N PHE A 51 3.38 14.97 3.54
CA PHE A 51 4.41 14.81 2.54
C PHE A 51 4.96 16.18 2.15
N THR A 52 4.09 17.18 2.08
CA THR A 52 4.45 18.47 1.53
C THR A 52 4.22 19.64 2.47
N ALA A 53 4.90 20.74 2.20
CA ALA A 53 4.75 21.96 2.98
C ALA A 53 3.32 22.44 2.85
N LYS A 54 2.76 22.29 1.65
CA LYS A 54 1.43 22.80 1.41
C LYS A 54 0.41 22.11 2.31
N ASP A 55 0.51 20.80 2.40
CA ASP A 55 -0.33 20.01 3.31
C ASP A 55 -0.04 20.31 4.78
N THR A 56 1.23 20.50 5.11
CA THR A 56 1.61 20.86 6.46
C THR A 56 1.01 22.21 6.84
N GLU A 57 1.07 23.17 5.91
CA GLU A 57 0.47 24.48 6.17
C GLU A 57 -1.02 24.34 6.36
N LYS A 58 -1.66 23.52 5.52
CA LYS A 58 -3.10 23.31 5.64
C LYS A 58 -3.43 22.70 7.00
N LEU A 59 -2.63 21.72 7.40
CA LEU A 59 -2.87 21.03 8.66
C LEU A 59 -2.72 21.97 9.85
N VAL A 60 -1.67 22.78 9.83
CA VAL A 60 -1.47 23.74 10.89
C VAL A 60 -2.62 24.74 10.92
N THR A 61 -3.07 25.20 9.76
CA THR A 61 -4.12 26.20 9.68
C THR A 61 -5.43 25.68 10.26
N TRP A 62 -5.73 24.42 10.00
CA TRP A 62 -6.97 23.83 10.42
C TRP A 62 -7.04 23.90 11.92
N PHE A 63 -5.95 23.54 12.58
CA PHE A 63 -5.82 23.69 14.03
C PHE A 63 -5.73 25.11 14.59
N VAL A 64 -5.00 25.97 13.90
CA VAL A 64 -4.89 27.35 14.31
C VAL A 64 -6.27 28.00 14.26
N GLU A 65 -7.05 27.65 13.25
CA GLU A 65 -8.40 28.19 13.06
C GLU A 65 -9.29 27.79 14.22
N ARG A 66 -9.02 26.63 14.78
CA ARG A 66 -9.79 26.09 15.87
C ARG A 66 -9.17 26.48 17.21
N GLY A 67 -8.28 27.47 17.17
CA GLY A 67 -7.77 28.11 18.36
C GLY A 67 -6.57 27.51 19.07
N TYR A 68 -5.90 26.59 18.40
CA TYR A 68 -4.74 25.92 18.98
C TYR A 68 -3.44 26.55 18.55
N LYS A 69 -2.48 26.59 19.47
CA LYS A 69 -1.12 26.97 19.13
C LYS A 69 -0.36 25.71 18.78
N ILE A 70 0.43 25.75 17.71
CA ILE A 70 1.21 24.59 17.35
C ILE A 70 2.52 24.68 18.12
N LYS A 71 2.58 23.92 19.22
CA LYS A 71 3.76 23.85 20.08
C LYS A 71 5.00 23.15 19.53
N GLY A 72 4.79 22.03 18.85
CA GLY A 72 5.90 21.24 18.36
C GLY A 72 5.54 20.23 17.31
N SER A 73 6.56 19.73 16.61
CA SER A 73 6.42 18.63 15.68
C SER A 73 7.49 17.55 15.93
N ILE A 74 7.10 16.29 15.83
CA ILE A 74 8.06 15.18 15.89
C ILE A 74 7.95 14.30 14.66
N SER A 75 9.08 13.95 14.07
CA SER A 75 9.13 13.08 12.91
C SER A 75 9.62 11.68 13.29
N SER A 76 8.86 10.68 12.88
CA SER A 76 9.15 9.27 13.17
C SER A 76 10.43 8.71 12.54
N HIS A 77 10.74 9.14 11.33
CA HIS A 77 11.92 8.70 10.61
C HIS A 77 12.24 9.65 9.49
N PHE A 78 13.35 9.45 8.81
CA PHE A 78 13.86 10.44 7.87
C PHE A 78 13.12 10.63 6.54
N HIS A 79 12.30 9.67 6.15
CA HIS A 79 11.68 9.73 4.84
C HIS A 79 10.69 10.88 4.75
N SER A 80 10.48 11.35 3.56
N SER A 80 10.41 11.27 3.51
CA SER A 80 9.78 12.61 3.31
CA SER A 80 9.70 12.50 3.18
C SER A 80 8.33 12.58 3.79
C SER A 80 8.32 12.51 3.81
N ASP A 81 7.72 11.34 3.87
CA ASP A 81 6.37 11.24 4.41
C ASP A 81 6.28 11.58 5.89
N SER A 82 7.43 11.69 6.57
CA SER A 82 7.41 12.01 7.99
C SER A 82 7.97 13.40 8.26
N THR A 83 8.85 13.84 7.38
CA THR A 83 9.61 15.06 7.56
C THR A 83 9.38 16.15 6.51
N GLY A 84 8.39 15.95 5.65
CA GLY A 84 8.22 16.79 4.48
C GLY A 84 8.04 18.24 4.86
N GLY A 85 7.32 18.48 5.95
CA GLY A 85 7.01 19.82 6.40
C GLY A 85 8.03 20.53 7.29
N ILE A 86 9.14 19.86 7.59
CA ILE A 86 10.06 20.39 8.58
C ILE A 86 10.61 21.75 8.15
N GLU A 87 10.94 21.88 6.88
CA GLU A 87 11.53 23.12 6.38
C GLU A 87 10.54 24.25 6.60
N TRP A 88 9.30 24.02 6.23
CA TRP A 88 8.27 25.00 6.42
C TRP A 88 8.02 25.32 7.88
N LEU A 89 7.97 24.30 8.72
CA LEU A 89 7.74 24.52 10.14
C LEU A 89 8.86 25.33 10.77
N ASN A 90 10.08 25.02 10.38
CA ASN A 90 11.25 25.73 10.85
C ASN A 90 11.19 27.19 10.42
N SER A 91 10.77 27.45 9.19
CA SER A 91 10.62 28.79 8.69
C SER A 91 9.62 29.65 9.48
N ARG A 92 8.66 29.01 10.12
CA ARG A 92 7.67 29.67 10.95
C ARG A 92 8.05 29.67 12.41
N SER A 93 9.26 29.23 12.68
CA SER A 93 9.77 29.10 14.01
C SER A 93 8.98 28.19 14.90
N ILE A 94 8.38 27.17 14.33
CA ILE A 94 7.64 26.19 15.10
C ILE A 94 8.61 25.07 15.44
N PRO A 95 8.74 24.72 16.71
CA PRO A 95 9.79 23.78 17.12
C PRO A 95 9.61 22.40 16.48
N THR A 96 10.69 21.86 15.94
CA THR A 96 10.67 20.55 15.32
C THR A 96 11.62 19.60 16.02
N TYR A 97 11.20 18.34 16.12
CA TYR A 97 11.95 17.33 16.85
C TYR A 97 12.20 16.08 16.03
N ALA A 98 13.38 15.51 16.19
CA ALA A 98 13.70 14.22 15.63
C ALA A 98 14.87 13.59 16.37
N SER A 99 15.05 12.29 16.22
CA SER A 99 16.17 11.61 16.85
C SER A 99 17.47 12.02 16.19
N GLU A 100 18.57 11.90 16.91
CA GLU A 100 19.86 12.30 16.38
C GLU A 100 20.14 11.49 15.12
N LEU A 101 19.76 10.22 15.13
CA LEU A 101 19.94 9.38 13.96
C LEU A 101 19.14 9.90 12.77
N THR A 102 17.90 10.32 13.03
CA THR A 102 17.03 10.81 11.97
C THR A 102 17.62 12.08 11.36
N ASN A 103 18.11 12.97 12.21
CA ASN A 103 18.75 14.20 11.75
C ASN A 103 20.01 13.92 10.93
N GLU A 104 20.78 12.93 11.36
CA GLU A 104 21.98 12.54 10.64
C GLU A 104 21.63 12.02 9.26
N LEU A 105 20.61 11.18 9.19
CA LEU A 105 20.11 10.66 7.94
C LEU A 105 19.51 11.74 7.05
N LEU A 106 18.80 12.69 7.63
CA LEU A 106 18.22 13.79 6.87
C LEU A 106 19.34 14.59 6.21
N LYS A 107 20.38 14.90 6.97
CA LYS A 107 21.46 15.76 6.51
C LYS A 107 22.07 15.03 5.35
N LYS A 108 22.18 13.72 5.51
CA LYS A 108 22.72 12.84 4.48
C LYS A 108 21.87 12.84 3.22
N ASP A 109 20.56 12.92 3.40
CA ASP A 109 19.66 12.84 2.29
C ASP A 109 19.53 14.21 1.62
N GLY A 110 20.30 15.19 2.10
CA GLY A 110 20.18 16.57 1.66
C GLY A 110 18.87 17.24 1.99
N LYS A 111 18.37 16.96 3.19
CA LYS A 111 17.10 17.48 3.66
C LYS A 111 17.27 18.32 4.93
N VAL A 112 16.34 19.24 5.15
CA VAL A 112 16.40 20.10 6.31
C VAL A 112 16.19 19.29 7.58
N GLN A 113 17.04 19.52 8.58
CA GLN A 113 16.97 18.82 9.85
C GLN A 113 16.00 19.43 10.84
N ALA A 114 15.51 18.60 11.76
CA ALA A 114 14.70 19.08 12.86
C ALA A 114 15.58 19.97 13.72
N THR A 115 14.98 20.99 14.28
CA THR A 115 15.67 21.93 15.13
C THR A 115 16.21 21.30 16.40
N ASN A 116 15.41 20.42 16.99
CA ASN A 116 15.80 19.76 18.23
C ASN A 116 15.97 18.26 18.06
N SER A 117 17.01 17.70 18.67
CA SER A 117 17.22 16.27 18.55
C SER A 117 17.52 15.59 19.88
N PHE A 118 17.11 14.33 19.97
CA PHE A 118 17.32 13.52 21.16
C PHE A 118 17.99 12.21 20.78
N SER A 119 18.82 11.72 21.70
CA SER A 119 19.51 10.45 21.54
C SER A 119 19.08 9.66 22.75
N GLY A 120 19.22 8.34 22.70
CA GLY A 120 18.66 7.51 23.73
C GLY A 120 17.32 6.93 23.36
N VAL A 121 16.95 5.85 24.04
CA VAL A 121 15.76 5.06 23.78
C VAL A 121 14.41 5.74 24.04
N ASN A 122 14.33 6.52 25.10
CA ASN A 122 13.10 7.13 25.56
C ASN A 122 13.19 8.65 25.45
N TYR A 123 12.12 9.31 25.07
CA TYR A 123 12.15 10.75 25.12
C TYR A 123 10.75 11.26 25.37
N TRP A 124 10.58 12.10 26.37
CA TRP A 124 9.27 12.60 26.66
C TRP A 124 9.14 13.96 26.07
N LEU A 125 8.44 14.02 24.94
CA LEU A 125 8.17 15.28 24.29
C LEU A 125 7.30 16.11 25.20
N VAL A 126 6.27 15.51 25.77
CA VAL A 126 5.50 16.16 26.80
C VAL A 126 5.42 15.22 28.00
N LYS A 127 5.80 15.69 29.17
CA LYS A 127 5.91 14.77 30.29
C LYS A 127 4.56 14.15 30.57
N ASN A 128 4.54 12.82 30.55
CA ASN A 128 3.39 12.02 30.94
C ASN A 128 2.29 11.95 29.88
N LYS A 129 2.51 12.59 28.74
CA LYS A 129 1.50 12.63 27.69
C LYS A 129 1.96 12.10 26.33
N ILE A 130 3.15 12.52 25.91
CA ILE A 130 3.69 12.06 24.64
C ILE A 130 5.11 11.53 24.83
N GLU A 131 5.32 10.29 24.45
CA GLU A 131 6.62 9.65 24.59
C GLU A 131 7.10 9.09 23.26
N VAL A 132 8.36 9.32 22.96
CA VAL A 132 8.99 8.76 21.79
C VAL A 132 9.87 7.61 22.22
N PHE A 133 9.74 6.48 21.53
CA PHE A 133 10.48 5.28 21.85
C PHE A 133 11.20 4.74 20.63
N TYR A 134 12.46 4.37 20.81
CA TYR A 134 13.24 3.78 19.74
C TYR A 134 13.41 2.29 19.97
N PRO A 135 12.82 1.48 19.11
CA PRO A 135 12.88 0.03 19.26
C PRO A 135 14.09 -0.59 18.59
N GLY A 136 14.89 0.23 17.93
CA GLY A 136 16.00 -0.22 17.11
C GLY A 136 15.68 -0.24 15.63
N PRO A 137 16.67 -0.56 14.81
CA PRO A 137 16.52 -0.47 13.35
C PRO A 137 15.47 -1.42 12.80
N GLY A 138 14.77 -0.99 11.76
CA GLY A 138 13.79 -1.82 11.10
C GLY A 138 13.54 -1.35 9.69
N HIS A 139 12.46 -0.59 9.51
CA HIS A 139 12.12 -0.02 8.22
C HIS A 139 13.25 0.89 7.81
N THR A 140 13.78 1.61 8.77
CA THR A 140 14.98 2.42 8.63
C THR A 140 15.78 2.30 9.91
N PRO A 141 17.03 2.71 9.86
CA PRO A 141 17.88 2.63 11.05
C PRO A 141 17.33 3.49 12.18
N ASP A 142 16.73 4.62 11.83
CA ASP A 142 16.34 5.65 12.78
C ASP A 142 14.90 5.59 13.28
N ASN A 143 14.09 4.66 12.80
CA ASN A 143 12.66 4.74 13.08
C ASN A 143 12.30 4.68 14.56
N VAL A 144 11.33 5.52 14.94
CA VAL A 144 10.86 5.60 16.31
C VAL A 144 9.33 5.57 16.33
N VAL A 145 8.77 5.24 17.48
CA VAL A 145 7.33 5.20 17.64
C VAL A 145 6.94 6.23 18.67
N VAL A 146 5.68 6.62 18.66
CA VAL A 146 5.19 7.58 19.62
C VAL A 146 4.06 6.96 20.42
N TRP A 147 4.15 7.10 21.73
CA TRP A 147 3.22 6.46 22.63
C TRP A 147 2.43 7.50 23.38
N LEU A 148 1.11 7.36 23.40
CA LEU A 148 0.27 8.25 24.18
C LEU A 148 -0.30 7.49 25.37
N PRO A 149 0.30 7.67 26.54
CA PRO A 149 -0.02 6.90 27.74
C PRO A 149 -1.46 7.11 28.18
N GLU A 150 -1.94 8.34 28.06
CA GLU A 150 -3.27 8.71 28.53
C GLU A 150 -4.38 8.03 27.74
N ARG A 151 -4.03 7.52 26.56
CA ARG A 151 -4.98 6.86 25.68
C ARG A 151 -4.54 5.46 25.27
N LYS A 152 -3.33 5.08 25.63
CA LYS A 152 -2.76 3.82 25.21
C LYS A 152 -2.79 3.68 23.69
N ILE A 153 -2.44 4.76 23.01
CA ILE A 153 -2.36 4.77 21.57
C ILE A 153 -0.90 4.82 21.15
N LEU A 154 -0.54 3.91 20.26
CA LEU A 154 0.80 3.86 19.76
C LEU A 154 0.82 4.26 18.30
N PHE A 155 1.62 5.26 17.97
CA PHE A 155 1.82 5.58 16.57
C PHE A 155 3.03 4.79 16.12
N GLY A 156 2.74 3.71 15.41
CA GLY A 156 3.72 2.80 14.87
C GLY A 156 4.59 3.43 13.82
N GLY A 157 4.02 4.38 13.10
CA GLY A 157 4.67 4.95 11.94
C GLY A 157 4.89 3.91 10.86
N CYS A 158 6.02 3.99 10.19
CA CYS A 158 6.28 3.11 9.06
C CYS A 158 6.97 1.80 9.47
N PHE A 159 7.26 1.69 10.76
CA PHE A 159 7.78 0.44 11.33
C PHE A 159 6.74 -0.67 11.23
N ILE A 160 5.49 -0.33 11.45
CA ILE A 160 4.42 -1.30 11.51
C ILE A 160 4.01 -1.72 10.11
N LYS A 161 4.24 -3.00 9.80
CA LYS A 161 4.02 -3.52 8.46
C LYS A 161 3.26 -4.85 8.48
N PRO A 162 1.95 -4.77 8.63
CA PRO A 162 1.11 -5.96 8.77
C PRO A 162 1.10 -6.89 7.55
N TYR A 163 1.16 -6.34 6.34
CA TYR A 163 0.91 -7.11 5.14
C TYR A 163 2.17 -7.40 4.34
N GLY A 164 2.98 -6.38 4.19
CA GLY A 164 4.27 -6.52 3.54
C GLY A 164 5.21 -5.50 4.14
N LEU A 165 6.49 -5.81 4.12
CA LEU A 165 7.50 -4.90 4.62
C LEU A 165 7.56 -3.59 3.82
N GLY A 166 7.26 -3.66 2.53
CA GLY A 166 7.38 -2.47 1.70
C GLY A 166 8.77 -2.29 1.17
N ASN A 167 9.16 -1.05 0.92
CA ASN A 167 10.49 -0.81 0.37
C ASN A 167 11.54 -1.16 1.41
N LEU A 168 12.50 -1.98 1.00
CA LEU A 168 13.55 -2.42 1.90
C LEU A 168 14.84 -1.66 1.67
N GLY A 169 14.78 -0.60 0.86
CA GLY A 169 15.98 0.06 0.43
C GLY A 169 16.83 0.60 1.56
N ASP A 170 16.17 1.16 2.58
CA ASP A 170 16.88 1.61 3.77
C ASP A 170 16.74 0.68 4.99
N ALA A 171 16.07 -0.45 4.81
CA ALA A 171 15.75 -1.34 5.92
C ALA A 171 16.95 -2.09 6.50
N ASN A 172 16.88 -2.40 7.79
CA ASN A 172 17.81 -3.34 8.40
C ASN A 172 17.06 -4.63 8.66
N ILE A 173 17.11 -5.52 7.69
CA ILE A 173 16.35 -6.76 7.73
C ILE A 173 16.78 -7.64 8.90
N GLU A 174 18.07 -7.71 9.16
CA GLU A 174 18.58 -8.52 10.25
C GLU A 174 18.11 -8.04 11.62
N ALA A 175 18.17 -6.73 11.84
CA ALA A 175 17.71 -6.07 13.07
C ALA A 175 16.21 -6.15 13.37
N TRP A 176 15.40 -6.10 12.32
CA TRP A 176 13.99 -5.78 12.42
C TRP A 176 13.17 -6.71 13.29
N PRO A 177 13.36 -8.02 13.18
CA PRO A 177 12.59 -8.94 14.01
C PRO A 177 12.86 -8.71 15.50
N LYS A 178 14.10 -8.46 15.85
CA LYS A 178 14.45 -8.14 17.22
C LYS A 178 13.82 -6.84 17.71
N SER A 179 13.86 -5.79 16.88
CA SER A 179 13.24 -4.53 17.23
C SER A 179 11.73 -4.70 17.39
N ALA A 180 11.14 -5.47 16.49
CA ALA A 180 9.72 -5.75 16.52
C ALA A 180 9.33 -6.51 17.78
N LYS A 181 10.15 -7.48 18.16
CA LYS A 181 9.88 -8.25 19.36
C LYS A 181 9.92 -7.30 20.55
N LEU A 182 10.89 -6.42 20.56
CA LEU A 182 11.03 -5.49 21.66
C LEU A 182 9.81 -4.57 21.73
N LEU A 183 9.36 -4.10 20.58
CA LEU A 183 8.20 -3.20 20.53
C LEU A 183 6.93 -3.89 21.03
N LYS A 184 6.75 -5.13 20.61
CA LYS A 184 5.59 -5.92 21.00
C LYS A 184 5.56 -6.18 22.49
N SER A 185 6.72 -6.49 23.09
CA SER A 185 6.78 -6.68 24.52
C SER A 185 6.46 -5.40 25.28
N LYS A 186 7.05 -4.29 24.84
CA LYS A 186 6.78 -3.01 25.48
C LYS A 186 5.36 -2.49 25.34
N TYR A 187 4.78 -2.61 24.14
CA TYR A 187 3.50 -1.99 23.84
C TYR A 187 2.33 -2.93 23.52
N GLY A 188 2.41 -4.16 24.02
CA GLY A 188 1.39 -5.16 23.83
C GLY A 188 0.09 -4.71 24.46
N LYS A 189 0.22 -3.86 25.46
CA LYS A 189 -0.90 -3.26 26.18
C LYS A 189 -1.72 -2.28 25.32
N ALA A 190 -1.20 -1.87 24.18
CA ALA A 190 -1.80 -0.77 23.43
C ALA A 190 -3.25 -1.02 23.05
N LYS A 191 -4.09 -0.02 23.33
CA LYS A 191 -5.49 0.00 22.90
C LYS A 191 -5.65 0.13 21.38
N LEU A 192 -4.88 1.03 20.78
CA LEU A 192 -4.93 1.27 19.35
C LEU A 192 -3.52 1.38 18.78
N VAL A 193 -3.33 0.86 17.58
CA VAL A 193 -2.07 1.01 16.87
C VAL A 193 -2.31 1.69 15.53
N VAL A 194 -1.62 2.81 15.32
CA VAL A 194 -1.77 3.58 14.11
C VAL A 194 -0.54 3.44 13.24
N PRO A 195 -0.68 2.66 12.17
CA PRO A 195 0.38 2.51 11.18
C PRO A 195 0.39 3.69 10.21
N SER A 196 1.52 3.96 9.59
CA SER A 196 1.62 5.02 8.60
C SER A 196 0.79 4.77 7.33
N HIS A 197 0.87 3.55 6.82
CA HIS A 197 0.36 3.23 5.49
C HIS A 197 -0.81 2.27 5.44
N SER A 198 -1.45 2.03 6.57
CA SER A 198 -2.59 1.13 6.64
C SER A 198 -3.54 1.51 7.76
N GLU A 199 -4.68 0.85 7.81
CA GLU A 199 -5.75 1.24 8.71
C GLU A 199 -5.37 1.07 10.17
N VAL A 200 -5.99 1.87 11.02
CA VAL A 200 -5.78 1.79 12.46
C VAL A 200 -6.26 0.44 12.94
N GLY A 201 -5.58 -0.10 13.93
CA GLY A 201 -5.81 -1.45 14.41
C GLY A 201 -5.55 -1.58 15.89
N ASP A 202 -5.84 -2.74 16.45
CA ASP A 202 -5.50 -3.05 17.83
C ASP A 202 -4.05 -3.56 17.94
N ALA A 203 -3.69 -4.05 19.11
CA ALA A 203 -2.32 -4.42 19.41
C ALA A 203 -1.78 -5.54 18.53
N SER A 204 -2.69 -6.23 17.83
CA SER A 204 -2.32 -7.38 17.01
C SER A 204 -1.39 -7.00 15.88
N LEU A 205 -1.42 -5.73 15.50
CA LEU A 205 -0.56 -5.22 14.45
C LEU A 205 0.91 -5.42 14.82
N LEU A 206 1.21 -5.33 16.10
CA LEU A 206 2.56 -5.57 16.59
C LEU A 206 3.02 -7.01 16.31
N LYS A 207 2.14 -7.97 16.55
CA LYS A 207 2.41 -9.36 16.26
C LYS A 207 2.60 -9.61 14.77
N LEU A 208 1.73 -9.02 13.96
CA LEU A 208 1.80 -9.19 12.52
C LEU A 208 3.11 -8.63 11.98
N THR A 209 3.51 -7.48 12.50
CA THR A 209 4.73 -6.84 12.06
C THR A 209 5.92 -7.74 12.36
N LEU A 210 5.93 -8.35 13.55
CA LEU A 210 7.01 -9.26 13.91
C LEU A 210 7.00 -10.44 12.98
N GLU A 211 5.82 -10.97 12.69
CA GLU A 211 5.74 -12.12 11.80
C GLU A 211 6.24 -11.76 10.42
N GLN A 212 5.86 -10.60 9.91
CA GLN A 212 6.32 -10.16 8.60
C GLN A 212 7.82 -9.97 8.61
N ALA A 213 8.33 -9.41 9.71
CA ALA A 213 9.75 -9.17 9.83
C ALA A 213 10.55 -10.47 9.79
N VAL A 214 10.05 -11.49 10.49
CA VAL A 214 10.71 -12.78 10.48
C VAL A 214 10.68 -13.40 9.08
N LYS A 215 9.54 -13.30 8.42
CA LYS A 215 9.40 -13.86 7.08
C LYS A 215 10.35 -13.17 6.13
N GLY A 216 10.44 -11.85 6.22
CA GLY A 216 11.30 -11.10 5.34
C GLY A 216 12.74 -11.49 5.52
N LEU A 217 13.17 -11.65 6.76
CA LEU A 217 14.54 -12.07 7.02
C LEU A 217 14.80 -13.47 6.47
N ASN A 218 13.85 -14.38 6.65
CA ASN A 218 14.00 -15.73 6.13
C ASN A 218 14.08 -15.75 4.61
N GLU A 219 13.10 -15.17 3.93
CA GLU A 219 13.03 -15.26 2.47
C GLU A 219 14.30 -14.66 2.02
N SER A 220 14.80 -13.80 2.88
CA SER A 220 16.06 -13.08 2.71
C SER A 220 17.32 -13.93 2.70
N LYS A 221 17.37 -14.95 3.55
CA LYS A 221 18.55 -15.75 3.65
C LYS A 221 18.77 -16.49 2.34
N LEU B 4 13.18 3.20 -15.76
CA LEU B 4 12.33 2.07 -15.39
C LEU B 4 13.10 1.06 -14.56
N PRO B 5 12.56 0.74 -13.40
CA PRO B 5 13.13 -0.30 -12.54
C PRO B 5 12.94 -1.70 -13.13
N ASP B 6 13.86 -2.59 -12.79
CA ASP B 6 13.75 -3.99 -13.18
C ASP B 6 12.61 -4.64 -12.42
N LEU B 7 12.06 -5.70 -12.99
CA LEU B 7 10.90 -6.38 -12.41
C LEU B 7 11.14 -7.07 -11.12
N LYS B 8 10.08 -7.12 -10.34
CA LYS B 8 10.16 -7.68 -9.02
C LYS B 8 9.25 -8.86 -8.87
N ILE B 9 9.81 -9.91 -8.29
CA ILE B 9 9.04 -11.05 -7.89
C ILE B 9 9.14 -11.26 -6.41
N GLU B 10 8.02 -11.45 -5.74
CA GLU B 10 8.05 -11.50 -4.30
C GLU B 10 7.00 -12.36 -3.73
N LYS B 11 7.43 -13.28 -2.86
CA LYS B 11 6.48 -14.16 -2.23
C LYS B 11 5.59 -13.36 -1.34
N LEU B 12 4.31 -13.67 -1.44
CA LEU B 12 3.33 -12.97 -0.68
C LEU B 12 2.65 -13.80 0.33
N ASP B 13 2.44 -15.05 -0.04
CA ASP B 13 1.81 -16.01 0.83
C ASP B 13 2.26 -17.34 0.29
N GLU B 14 1.99 -18.39 1.03
CA GLU B 14 2.52 -19.68 0.62
C GLU B 14 1.94 -20.06 -0.72
N GLY B 15 2.83 -20.29 -1.69
CA GLY B 15 2.39 -20.68 -3.02
C GLY B 15 1.82 -19.51 -3.79
N VAL B 16 2.01 -18.31 -3.27
CA VAL B 16 1.58 -17.12 -3.95
C VAL B 16 2.73 -16.15 -4.08
N TYR B 17 2.96 -15.67 -5.29
CA TYR B 17 4.00 -14.69 -5.54
C TYR B 17 3.39 -13.53 -6.29
N VAL B 18 4.00 -12.37 -6.18
CA VAL B 18 3.44 -11.19 -6.74
C VAL B 18 4.57 -10.70 -7.61
N HIS B 19 4.27 -10.29 -8.83
CA HIS B 19 5.27 -9.78 -9.70
C HIS B 19 4.92 -8.39 -10.02
N THR B 20 5.92 -7.58 -10.26
CA THR B 20 5.70 -6.20 -10.45
C THR B 20 6.55 -5.72 -11.55
N SER B 21 5.93 -5.12 -12.54
CA SER B 21 6.62 -4.40 -13.58
C SER B 21 6.18 -2.96 -13.60
N PHE B 22 6.90 -2.14 -14.33
CA PHE B 22 6.73 -0.73 -14.30
C PHE B 22 6.59 -0.10 -15.66
N GLU B 23 5.79 0.96 -15.72
CA GLU B 23 5.70 1.81 -16.88
C GLU B 23 5.71 3.30 -16.49
N GLU B 24 6.23 4.16 -17.35
CA GLU B 24 6.15 5.62 -17.16
C GLU B 24 4.82 6.07 -17.68
N VAL B 25 4.14 6.91 -16.90
CA VAL B 25 2.83 7.41 -17.27
C VAL B 25 2.95 8.92 -17.26
N ASN B 26 2.20 9.57 -18.13
CA ASN B 26 2.52 10.92 -18.53
C ASN B 26 2.53 11.93 -17.40
N GLY B 27 1.51 11.92 -16.56
CA GLY B 27 1.46 12.86 -15.46
C GLY B 27 1.82 12.26 -14.11
N TRP B 28 1.92 10.94 -14.07
CA TRP B 28 2.03 10.24 -12.84
C TRP B 28 3.41 9.71 -12.58
N GLY B 29 4.19 9.49 -13.62
CA GLY B 29 5.52 8.98 -13.43
C GLY B 29 5.58 7.48 -13.52
N VAL B 30 6.65 6.87 -13.04
CA VAL B 30 6.75 5.42 -13.03
C VAL B 30 5.73 4.77 -12.14
N VAL B 31 4.87 3.95 -12.70
CA VAL B 31 3.80 3.36 -11.95
C VAL B 31 4.00 1.88 -11.86
N PRO B 32 3.57 1.25 -10.78
CA PRO B 32 3.60 -0.20 -10.69
C PRO B 32 2.40 -0.88 -11.26
N LYS B 33 2.61 -2.12 -11.65
CA LYS B 33 1.52 -3.02 -11.93
C LYS B 33 1.84 -4.33 -11.31
N HIS B 34 0.96 -4.72 -10.39
CA HIS B 34 1.12 -5.92 -9.62
C HIS B 34 0.28 -7.01 -10.19
N GLY B 35 0.84 -8.19 -10.28
CA GLY B 35 0.05 -9.38 -10.51
C GLY B 35 0.57 -10.54 -9.68
N LEU B 36 0.13 -11.73 -10.01
CA LEU B 36 0.36 -12.91 -9.20
C LEU B 36 0.79 -14.07 -10.01
N VAL B 37 1.50 -14.96 -9.36
CA VAL B 37 1.81 -16.27 -9.88
C VAL B 37 1.40 -17.20 -8.81
N VAL B 38 0.30 -17.90 -9.00
CA VAL B 38 -0.14 -18.90 -8.05
C VAL B 38 0.47 -20.30 -8.28
N LEU B 39 0.95 -20.91 -7.20
CA LEU B 39 1.67 -22.14 -7.32
C LEU B 39 0.82 -23.29 -6.88
N VAL B 40 0.81 -24.36 -7.67
CA VAL B 40 0.05 -25.55 -7.32
C VAL B 40 0.76 -26.80 -7.82
N ASN B 41 1.29 -27.59 -6.91
CA ASN B 41 2.05 -28.75 -7.30
C ASN B 41 3.34 -28.31 -7.95
N ALA B 42 3.57 -28.78 -9.16
CA ALA B 42 4.75 -28.37 -9.92
C ALA B 42 4.36 -27.30 -10.91
N GLU B 43 3.06 -27.01 -10.98
CA GLU B 43 2.53 -26.05 -11.93
C GLU B 43 2.45 -24.65 -11.35
N ALA B 44 2.29 -23.67 -12.24
CA ALA B 44 2.25 -22.25 -11.87
C ALA B 44 1.33 -21.47 -12.79
N TYR B 45 0.32 -20.82 -12.21
CA TYR B 45 -0.67 -20.03 -12.93
C TYR B 45 -0.55 -18.49 -12.78
N LEU B 46 -0.66 -17.75 -13.87
CA LEU B 46 -0.44 -16.30 -13.86
C LEU B 46 -1.70 -15.45 -13.86
N ILE B 47 -1.74 -14.50 -12.94
CA ILE B 47 -2.79 -13.50 -12.91
C ILE B 47 -2.22 -12.24 -13.53
N ASP B 48 -2.62 -11.97 -14.77
CA ASP B 48 -2.13 -10.82 -15.51
C ASP B 48 -0.68 -10.97 -15.87
N THR B 49 -0.28 -10.24 -16.90
CA THR B 49 1.05 -10.32 -17.44
C THR B 49 1.65 -8.93 -17.44
N PRO B 50 2.97 -8.89 -17.47
CA PRO B 50 3.73 -7.64 -17.42
C PRO B 50 3.52 -6.89 -18.72
N PHE B 51 3.87 -5.60 -18.76
CA PHE B 51 3.63 -4.82 -19.96
C PHE B 51 4.36 -5.43 -21.16
N THR B 52 5.59 -5.88 -20.94
CA THR B 52 6.46 -6.26 -22.04
C THR B 52 6.82 -7.75 -22.07
N ALA B 53 6.89 -8.29 -23.28
CA ALA B 53 7.27 -9.69 -23.48
C ALA B 53 8.58 -9.98 -22.77
N LYS B 54 9.46 -8.98 -22.73
CA LYS B 54 10.76 -9.12 -22.09
C LYS B 54 10.60 -9.44 -20.61
N ASP B 55 9.65 -8.77 -19.97
CA ASP B 55 9.36 -9.02 -18.57
C ASP B 55 8.66 -10.35 -18.42
N THR B 56 7.72 -10.62 -19.30
CA THR B 56 6.94 -11.86 -19.24
C THR B 56 7.86 -13.07 -19.35
N GLU B 57 8.87 -12.96 -20.19
CA GLU B 57 9.83 -14.06 -20.36
C GLU B 57 10.69 -14.22 -19.11
N LYS B 58 11.09 -13.09 -18.53
CA LYS B 58 11.87 -13.10 -17.30
C LYS B 58 11.06 -13.75 -16.17
N LEU B 59 9.76 -13.48 -16.17
CA LEU B 59 8.86 -14.05 -15.18
C LEU B 59 8.76 -15.55 -15.34
N VAL B 60 8.38 -15.99 -16.53
CA VAL B 60 8.25 -17.41 -16.84
C VAL B 60 9.55 -18.16 -16.53
N THR B 61 10.67 -17.60 -16.98
CA THR B 61 11.97 -18.22 -16.78
C THR B 61 12.28 -18.41 -15.30
N TRP B 62 11.90 -17.44 -14.49
CA TRP B 62 12.21 -17.46 -13.10
C TRP B 62 11.62 -18.66 -12.43
N PHE B 63 10.41 -19.02 -12.82
CA PHE B 63 9.71 -20.12 -12.19
C PHE B 63 10.04 -21.48 -12.79
N VAL B 64 10.20 -21.51 -14.11
CA VAL B 64 10.62 -22.71 -14.78
C VAL B 64 11.96 -23.13 -14.19
N GLU B 65 12.89 -22.22 -14.08
CA GLU B 65 14.24 -22.60 -13.76
C GLU B 65 14.19 -23.29 -12.41
N ARG B 66 13.04 -23.18 -11.74
CA ARG B 66 12.92 -23.59 -10.36
C ARG B 66 12.02 -24.79 -10.20
N GLY B 67 11.66 -25.36 -11.33
CA GLY B 67 10.95 -26.61 -11.32
C GLY B 67 9.47 -26.38 -11.40
N TYR B 68 9.09 -25.32 -12.09
CA TYR B 68 7.67 -25.10 -12.23
C TYR B 68 7.28 -25.08 -13.69
N LYS B 69 6.04 -25.46 -13.95
CA LYS B 69 5.55 -25.51 -15.31
C LYS B 69 4.37 -24.59 -15.47
N ILE B 70 4.44 -23.72 -16.47
CA ILE B 70 3.41 -22.71 -16.68
C ILE B 70 2.14 -23.37 -17.21
N LYS B 71 1.25 -23.66 -16.33
CA LYS B 71 0.01 -24.26 -16.69
C LYS B 71 -0.81 -23.23 -17.42
N GLY B 72 -0.39 -21.98 -17.41
CA GLY B 72 -1.15 -20.96 -18.12
C GLY B 72 -1.22 -19.56 -17.54
N SER B 73 -1.99 -18.67 -18.16
CA SER B 73 -2.15 -17.33 -17.61
C SER B 73 -3.58 -16.86 -17.81
N ILE B 74 -3.95 -15.79 -17.09
CA ILE B 74 -5.28 -15.19 -17.21
C ILE B 74 -5.19 -13.69 -17.03
N SER B 75 -5.99 -12.95 -17.80
CA SER B 75 -6.01 -11.48 -17.78
C SER B 75 -7.28 -10.90 -17.20
N SER B 76 -7.12 -9.86 -16.39
CA SER B 76 -8.23 -9.11 -15.77
C SER B 76 -9.15 -8.28 -16.69
N HIS B 77 -8.55 -7.53 -17.62
CA HIS B 77 -9.27 -6.63 -18.53
C HIS B 77 -8.42 -6.38 -19.77
N PHE B 78 -8.97 -5.79 -20.83
CA PHE B 78 -8.13 -5.70 -22.05
C PHE B 78 -6.78 -4.95 -21.95
N HIS B 79 -6.64 -4.07 -20.96
CA HIS B 79 -5.56 -3.08 -20.95
C HIS B 79 -4.23 -3.74 -20.93
N SER B 80 -3.26 -3.08 -21.57
CA SER B 80 -1.96 -3.66 -21.83
C SER B 80 -1.24 -4.13 -20.56
N ASP B 81 -1.47 -3.47 -19.44
CA ASP B 81 -0.73 -3.79 -18.23
C ASP B 81 -0.99 -5.25 -17.90
N SER B 82 -2.24 -5.67 -18.09
CA SER B 82 -2.64 -7.08 -18.03
C SER B 82 -2.18 -8.05 -19.14
N THR B 83 -2.19 -7.62 -20.39
CA THR B 83 -2.07 -8.52 -21.52
C THR B 83 -0.75 -8.43 -22.26
N GLY B 84 0.09 -7.48 -21.85
CA GLY B 84 1.34 -7.24 -22.53
C GLY B 84 2.07 -8.47 -23.04
N GLY B 85 1.95 -9.59 -22.32
CA GLY B 85 2.74 -10.76 -22.62
C GLY B 85 2.04 -11.89 -23.35
N ILE B 86 0.78 -11.70 -23.70
CA ILE B 86 -0.01 -12.74 -24.36
C ILE B 86 0.58 -13.17 -25.71
N GLU B 87 1.08 -12.20 -26.48
CA GLU B 87 1.65 -12.51 -27.78
C GLU B 87 2.87 -13.41 -27.65
N TRP B 88 3.75 -13.09 -26.71
CA TRP B 88 4.94 -13.89 -26.48
C TRP B 88 4.56 -15.24 -25.86
N LEU B 89 3.51 -15.23 -25.04
CA LEU B 89 3.07 -16.45 -24.37
C LEU B 89 2.55 -17.46 -25.38
N ASN B 90 1.70 -16.99 -26.29
CA ASN B 90 1.14 -17.85 -27.34
C ASN B 90 2.23 -18.37 -28.27
N SER B 91 3.26 -17.57 -28.47
CA SER B 91 4.38 -17.95 -29.31
C SER B 91 5.11 -19.16 -28.73
N ARG B 92 4.98 -19.36 -27.43
CA ARG B 92 5.59 -20.49 -26.74
C ARG B 92 4.56 -21.57 -26.41
N SER B 93 3.37 -21.45 -26.99
CA SER B 93 2.30 -22.43 -26.80
C SER B 93 1.94 -22.62 -25.33
N ILE B 94 1.51 -21.54 -24.69
CA ILE B 94 1.08 -21.57 -23.30
C ILE B 94 -0.37 -21.07 -23.23
N PRO B 95 -1.27 -21.85 -22.59
CA PRO B 95 -2.68 -21.46 -22.55
C PRO B 95 -2.94 -20.09 -21.95
N THR B 96 -3.63 -19.23 -22.70
CA THR B 96 -4.06 -17.93 -22.21
C THR B 96 -5.58 -17.91 -22.07
N TYR B 97 -6.06 -17.36 -20.95
CA TYR B 97 -7.49 -17.30 -20.67
C TYR B 97 -7.93 -15.86 -20.49
N ALA B 98 -9.16 -15.56 -20.89
CA ALA B 98 -9.71 -14.22 -20.76
C ALA B 98 -11.23 -14.26 -20.93
N SER B 99 -11.94 -13.30 -20.40
CA SER B 99 -13.36 -13.34 -20.55
C SER B 99 -13.76 -13.18 -22.00
N GLU B 100 -15.03 -13.44 -22.24
CA GLU B 100 -15.68 -13.08 -23.48
C GLU B 100 -15.34 -11.64 -23.82
N LEU B 101 -15.82 -10.71 -23.01
CA LEU B 101 -15.55 -9.31 -23.20
C LEU B 101 -14.12 -8.99 -23.56
N THR B 102 -13.22 -9.43 -22.73
CA THR B 102 -11.80 -9.07 -22.88
C THR B 102 -11.30 -9.42 -24.27
N ASN B 103 -11.53 -10.65 -24.72
CA ASN B 103 -11.14 -11.07 -26.05
C ASN B 103 -11.86 -10.26 -27.12
N GLU B 104 -13.10 -9.89 -26.82
CA GLU B 104 -13.89 -9.03 -27.72
C GLU B 104 -13.23 -7.67 -27.85
N LEU B 105 -12.90 -7.06 -26.72
CA LEU B 105 -12.30 -5.73 -26.69
C LEU B 105 -10.89 -5.73 -27.27
N LEU B 106 -10.16 -6.82 -27.06
CA LEU B 106 -8.81 -6.96 -27.61
C LEU B 106 -8.85 -7.01 -29.13
N LYS B 107 -9.91 -7.60 -29.67
CA LYS B 107 -10.06 -7.70 -31.11
C LYS B 107 -10.22 -6.32 -31.74
N LYS B 108 -11.01 -5.47 -31.08
CA LYS B 108 -11.26 -4.11 -31.57
C LYS B 108 -9.98 -3.30 -31.55
N ASP B 109 -9.18 -3.46 -30.49
CA ASP B 109 -7.94 -2.71 -30.34
C ASP B 109 -6.84 -3.23 -31.26
N GLY B 110 -7.09 -4.38 -31.89
CA GLY B 110 -6.13 -4.98 -32.79
C GLY B 110 -4.98 -5.63 -32.03
N LYS B 111 -5.31 -6.28 -30.92
CA LYS B 111 -4.33 -6.96 -30.10
C LYS B 111 -4.49 -8.47 -30.23
N VAL B 112 -3.42 -9.20 -29.91
CA VAL B 112 -3.48 -10.66 -29.90
C VAL B 112 -4.44 -11.11 -28.80
N GLN B 113 -5.42 -11.93 -29.17
CA GLN B 113 -6.42 -12.40 -28.23
C GLN B 113 -5.91 -13.63 -27.48
N ALA B 114 -6.52 -13.92 -26.34
CA ALA B 114 -6.19 -15.10 -25.56
C ALA B 114 -6.59 -16.35 -26.34
N THR B 115 -5.85 -17.44 -26.15
CA THR B 115 -6.13 -18.69 -26.84
C THR B 115 -7.46 -19.27 -26.36
N ASN B 116 -7.54 -19.54 -25.05
CA ASN B 116 -8.77 -20.04 -24.45
C ASN B 116 -9.66 -18.89 -24.02
N SER B 117 -10.93 -19.18 -23.73
CA SER B 117 -11.88 -18.16 -23.31
C SER B 117 -12.91 -18.74 -22.35
N PHE B 118 -13.55 -17.87 -21.57
CA PHE B 118 -14.56 -18.27 -20.60
C PHE B 118 -15.64 -17.20 -20.48
N SER B 119 -16.72 -17.53 -19.78
CA SER B 119 -17.88 -16.65 -19.69
C SER B 119 -18.77 -16.92 -18.49
N GLY B 120 -19.75 -16.04 -18.30
CA GLY B 120 -20.64 -16.10 -17.16
C GLY B 120 -20.03 -15.38 -15.97
N VAL B 121 -20.79 -15.29 -14.88
CA VAL B 121 -20.32 -14.63 -13.67
C VAL B 121 -19.11 -15.33 -13.05
N ASN B 122 -19.13 -16.66 -13.07
CA ASN B 122 -18.11 -17.45 -12.39
C ASN B 122 -17.33 -18.42 -13.29
N TYR B 123 -16.03 -18.52 -13.04
CA TYR B 123 -15.16 -19.47 -13.71
C TYR B 123 -14.12 -19.96 -12.73
N TRP B 124 -13.71 -21.22 -12.84
CA TRP B 124 -12.60 -21.70 -12.06
C TRP B 124 -11.48 -22.06 -12.97
N LEU B 125 -10.35 -21.38 -12.85
CA LEU B 125 -9.20 -21.74 -13.65
C LEU B 125 -8.76 -23.14 -13.23
N VAL B 126 -8.79 -23.38 -11.93
CA VAL B 126 -8.60 -24.70 -11.35
C VAL B 126 -9.58 -24.89 -10.21
N LYS B 127 -10.03 -26.13 -10.02
CA LYS B 127 -11.02 -26.43 -8.99
C LYS B 127 -10.56 -26.11 -7.56
N ASN B 128 -11.32 -25.23 -6.91
CA ASN B 128 -11.15 -24.95 -5.47
C ASN B 128 -9.80 -24.40 -5.04
N LYS B 129 -8.97 -23.99 -6.00
CA LYS B 129 -7.71 -23.34 -5.71
C LYS B 129 -7.64 -21.96 -6.36
N ILE B 130 -8.46 -21.74 -7.39
CA ILE B 130 -8.54 -20.45 -8.06
C ILE B 130 -9.96 -20.20 -8.56
N GLU B 131 -10.42 -18.95 -8.45
CA GLU B 131 -11.77 -18.58 -8.89
C GLU B 131 -11.77 -17.21 -9.55
N VAL B 132 -12.34 -17.15 -10.77
CA VAL B 132 -12.48 -15.91 -11.49
C VAL B 132 -13.93 -15.43 -11.39
N PHE B 133 -14.11 -14.18 -10.98
CA PHE B 133 -15.44 -13.63 -10.73
C PHE B 133 -15.62 -12.26 -11.40
N TYR B 134 -16.84 -12.02 -11.90
CA TYR B 134 -17.16 -10.79 -12.60
C TYR B 134 -18.15 -9.95 -11.80
N PRO B 135 -17.70 -8.85 -11.18
CA PRO B 135 -18.59 -8.04 -10.35
C PRO B 135 -19.45 -7.07 -11.15
N GLY B 136 -19.04 -6.80 -12.39
CA GLY B 136 -19.74 -5.87 -13.25
C GLY B 136 -18.81 -4.83 -13.83
N PRO B 137 -19.32 -3.96 -14.72
CA PRO B 137 -18.49 -2.89 -15.29
C PRO B 137 -18.07 -1.86 -14.25
N GLY B 138 -16.85 -1.34 -14.41
CA GLY B 138 -16.32 -0.32 -13.54
C GLY B 138 -15.23 0.45 -14.25
N HIS B 139 -13.98 0.08 -13.98
CA HIS B 139 -12.79 0.65 -14.58
C HIS B 139 -12.89 0.43 -16.05
N THR B 140 -13.41 -0.73 -16.39
CA THR B 140 -13.65 -1.13 -17.78
C THR B 140 -14.85 -2.05 -17.79
N PRO B 141 -15.39 -2.34 -18.96
CA PRO B 141 -16.59 -3.17 -19.05
C PRO B 141 -16.32 -4.64 -18.74
N ASP B 142 -15.09 -5.09 -18.95
CA ASP B 142 -14.74 -6.50 -18.87
C ASP B 142 -13.99 -6.91 -17.60
N ASN B 143 -13.83 -6.01 -16.65
CA ASN B 143 -12.94 -6.31 -15.52
C ASN B 143 -13.41 -7.48 -14.67
N VAL B 144 -12.49 -8.37 -14.34
CA VAL B 144 -12.78 -9.51 -13.50
C VAL B 144 -11.78 -9.60 -12.37
N VAL B 145 -12.16 -10.25 -11.28
CA VAL B 145 -11.25 -10.44 -10.15
C VAL B 145 -10.75 -11.88 -10.15
N VAL B 146 -9.87 -12.18 -9.19
CA VAL B 146 -9.41 -13.55 -8.99
C VAL B 146 -9.32 -13.85 -7.50
N TRP B 147 -10.01 -14.90 -7.08
CA TRP B 147 -10.13 -15.26 -5.67
C TRP B 147 -9.45 -16.59 -5.40
N LEU B 148 -8.66 -16.63 -4.32
CA LEU B 148 -7.98 -17.83 -3.89
C LEU B 148 -8.57 -18.29 -2.55
N PRO B 149 -9.51 -19.25 -2.59
CA PRO B 149 -10.22 -19.65 -1.36
C PRO B 149 -9.31 -20.20 -0.26
N GLU B 150 -8.28 -20.92 -0.68
CA GLU B 150 -7.43 -21.66 0.21
C GLU B 150 -6.54 -20.69 0.95
N ARG B 151 -6.54 -19.47 0.48
CA ARG B 151 -5.72 -18.47 1.09
C ARG B 151 -6.49 -17.22 1.45
N LYS B 152 -7.68 -17.08 0.90
CA LYS B 152 -8.48 -15.92 1.21
C LYS B 152 -7.81 -14.69 0.62
N ILE B 153 -7.03 -14.89 -0.43
CA ILE B 153 -6.43 -13.75 -1.10
C ILE B 153 -7.30 -13.32 -2.28
N LEU B 154 -7.36 -12.01 -2.52
CA LEU B 154 -8.17 -11.46 -3.60
C LEU B 154 -7.32 -10.56 -4.49
N PHE B 155 -7.32 -10.85 -5.79
CA PHE B 155 -6.67 -9.98 -6.76
C PHE B 155 -7.73 -9.15 -7.47
N GLY B 156 -7.92 -7.92 -6.97
CA GLY B 156 -8.97 -7.05 -7.46
C GLY B 156 -8.60 -6.35 -8.76
N GLY B 157 -7.33 -6.44 -9.12
CA GLY B 157 -6.86 -5.86 -10.38
C GLY B 157 -7.03 -4.35 -10.43
N CYS B 158 -7.36 -3.87 -11.62
CA CYS B 158 -7.51 -2.44 -11.88
C CYS B 158 -8.86 -1.92 -11.35
N PHE B 159 -9.71 -2.81 -10.87
CA PHE B 159 -11.04 -2.44 -10.39
C PHE B 159 -10.96 -1.74 -9.03
N ILE B 160 -9.96 -2.12 -8.23
CA ILE B 160 -9.77 -1.54 -6.91
C ILE B 160 -9.18 -0.14 -7.02
N LYS B 161 -9.94 0.85 -6.59
CA LYS B 161 -9.54 2.25 -6.68
C LYS B 161 -9.77 2.95 -5.34
N PRO B 162 -8.87 2.73 -4.37
CA PRO B 162 -9.07 3.23 -3.01
C PRO B 162 -8.98 4.75 -2.88
N TYR B 163 -8.20 5.41 -3.73
CA TYR B 163 -7.93 6.84 -3.57
C TYR B 163 -8.19 7.64 -4.85
N GLY B 164 -8.97 7.07 -5.77
CA GLY B 164 -9.29 7.75 -7.01
C GLY B 164 -9.50 6.78 -8.16
N LEU B 165 -10.54 7.04 -8.95
CA LEU B 165 -10.90 6.16 -10.05
C LEU B 165 -9.88 6.19 -11.19
N GLY B 166 -9.05 7.23 -11.21
CA GLY B 166 -8.01 7.34 -12.22
C GLY B 166 -8.54 7.78 -13.57
N ASN B 167 -8.09 7.09 -14.62
CA ASN B 167 -8.50 7.42 -15.98
C ASN B 167 -9.82 6.74 -16.34
N LEU B 168 -10.79 7.55 -16.76
CA LEU B 168 -12.13 7.05 -17.08
C LEU B 168 -12.33 6.98 -18.60
N GLY B 169 -11.25 6.69 -19.32
CA GLY B 169 -11.30 6.59 -20.77
C GLY B 169 -12.21 5.47 -21.25
N ASP B 170 -12.27 4.39 -20.47
CA ASP B 170 -13.10 3.25 -20.83
C ASP B 170 -13.92 2.81 -19.63
N ALA B 171 -14.17 3.72 -18.71
CA ALA B 171 -14.85 3.38 -17.47
C ALA B 171 -16.36 3.55 -17.52
N ASN B 172 -17.04 2.92 -16.57
CA ASN B 172 -18.49 3.00 -16.47
C ASN B 172 -18.86 3.50 -15.07
N ILE B 173 -19.05 4.80 -14.94
CA ILE B 173 -19.25 5.43 -13.65
C ILE B 173 -20.64 5.12 -13.09
N GLU B 174 -21.61 4.95 -13.98
CA GLU B 174 -22.99 4.72 -13.57
C GLU B 174 -23.18 3.36 -12.90
N ALA B 175 -22.33 2.40 -13.25
CA ALA B 175 -22.47 1.03 -12.78
C ALA B 175 -21.42 0.66 -11.72
N TRP B 176 -20.41 1.51 -11.55
CA TRP B 176 -19.31 1.21 -10.63
C TRP B 176 -19.76 1.07 -9.17
N PRO B 177 -20.60 2.01 -8.69
CA PRO B 177 -21.09 1.90 -7.31
C PRO B 177 -21.75 0.56 -7.01
N LYS B 178 -22.60 0.09 -7.92
CA LYS B 178 -23.28 -1.18 -7.75
C LYS B 178 -22.30 -2.34 -7.86
N SER B 179 -21.41 -2.26 -8.85
CA SER B 179 -20.43 -3.32 -9.08
C SER B 179 -19.47 -3.45 -7.90
N ALA B 180 -19.02 -2.31 -7.38
CA ALA B 180 -18.10 -2.29 -6.24
C ALA B 180 -18.80 -2.80 -4.98
N LYS B 181 -20.05 -2.39 -4.80
CA LYS B 181 -20.83 -2.83 -3.65
C LYS B 181 -21.07 -4.33 -3.72
N LEU B 182 -21.08 -4.86 -4.95
CA LEU B 182 -21.27 -6.28 -5.17
C LEU B 182 -20.05 -7.04 -4.65
N LEU B 183 -18.87 -6.45 -4.85
CA LEU B 183 -17.62 -7.09 -4.47
C LEU B 183 -17.42 -7.04 -2.96
N LYS B 184 -17.96 -6.01 -2.32
CA LYS B 184 -17.84 -5.86 -0.88
C LYS B 184 -18.61 -6.95 -0.14
N SER B 185 -19.73 -7.38 -0.72
CA SER B 185 -20.57 -8.41 -0.12
C SER B 185 -19.97 -9.79 -0.30
N LYS B 186 -19.41 -10.04 -1.48
CA LYS B 186 -18.91 -11.36 -1.84
C LYS B 186 -17.53 -11.65 -1.26
N TYR B 187 -16.79 -10.59 -0.93
CA TYR B 187 -15.41 -10.74 -0.48
C TYR B 187 -15.06 -9.83 0.69
N GLY B 188 -16.00 -9.63 1.60
CA GLY B 188 -15.75 -8.88 2.81
C GLY B 188 -14.98 -9.71 3.83
N LYS B 189 -14.70 -10.96 3.47
CA LYS B 189 -14.00 -11.90 4.34
C LYS B 189 -12.53 -12.05 3.95
N ALA B 190 -12.12 -11.37 2.90
CA ALA B 190 -10.75 -11.50 2.38
C ALA B 190 -9.72 -11.01 3.40
N LYS B 191 -8.63 -11.76 3.51
CA LYS B 191 -7.53 -11.38 4.39
C LYS B 191 -6.60 -10.40 3.71
N LEU B 192 -6.40 -10.59 2.42
CA LEU B 192 -5.53 -9.72 1.63
C LEU B 192 -6.16 -9.37 0.28
N VAL B 193 -6.18 -8.07 -0.02
CA VAL B 193 -6.61 -7.58 -1.33
C VAL B 193 -5.39 -7.05 -2.06
N VAL B 194 -5.22 -7.47 -3.31
CA VAL B 194 -4.07 -7.08 -4.11
C VAL B 194 -4.51 -6.22 -5.30
N PRO B 195 -4.34 -4.89 -5.18
CA PRO B 195 -4.67 -4.02 -6.32
C PRO B 195 -3.58 -4.04 -7.38
N SER B 196 -3.87 -3.53 -8.57
CA SER B 196 -2.91 -3.52 -9.66
C SER B 196 -1.84 -2.44 -9.48
N HIS B 197 -2.26 -1.27 -9.01
CA HIS B 197 -1.38 -0.10 -9.00
C HIS B 197 -1.23 0.51 -7.60
N SER B 198 -1.63 -0.25 -6.57
CA SER B 198 -1.45 0.18 -5.18
C SER B 198 -0.90 -0.97 -4.35
N GLU B 199 -0.39 -0.64 -3.16
CA GLU B 199 0.16 -1.64 -2.26
C GLU B 199 -0.93 -2.58 -1.75
N VAL B 200 -0.52 -3.78 -1.37
CA VAL B 200 -1.44 -4.77 -0.81
C VAL B 200 -2.06 -4.24 0.48
N GLY B 201 -3.35 -4.52 0.66
CA GLY B 201 -4.08 -4.13 1.85
C GLY B 201 -5.02 -5.25 2.27
N ASP B 202 -5.86 -4.98 3.26
CA ASP B 202 -6.89 -5.93 3.67
C ASP B 202 -8.22 -5.57 3.02
N ALA B 203 -9.31 -6.14 3.53
CA ALA B 203 -10.64 -5.93 2.97
C ALA B 203 -11.05 -4.47 2.95
N SER B 204 -10.37 -3.65 3.74
CA SER B 204 -10.67 -2.21 3.83
C SER B 204 -10.67 -1.54 2.46
N LEU B 205 -9.83 -2.03 1.56
CA LEU B 205 -9.70 -1.44 0.23
C LEU B 205 -10.99 -1.56 -0.57
N LEU B 206 -11.84 -2.52 -0.21
CA LEU B 206 -13.11 -2.72 -0.90
C LEU B 206 -14.08 -1.60 -0.54
N LYS B 207 -14.09 -1.20 0.73
CA LYS B 207 -14.97 -0.15 1.19
C LYS B 207 -14.53 1.20 0.64
N LEU B 208 -13.22 1.39 0.54
CA LEU B 208 -12.65 2.62 0.00
C LEU B 208 -12.99 2.73 -1.49
N THR B 209 -12.88 1.61 -2.20
CA THR B 209 -13.22 1.56 -3.62
C THR B 209 -14.68 1.95 -3.81
N LEU B 210 -15.54 1.46 -2.92
CA LEU B 210 -16.97 1.74 -2.99
C LEU B 210 -17.24 3.23 -2.79
N GLU B 211 -16.61 3.81 -1.78
CA GLU B 211 -16.83 5.21 -1.45
C GLU B 211 -16.32 6.13 -2.57
N GLN B 212 -15.25 5.70 -3.24
CA GLN B 212 -14.70 6.46 -4.35
C GLN B 212 -15.58 6.31 -5.59
N ALA B 213 -16.18 5.14 -5.75
CA ALA B 213 -17.08 4.88 -6.87
C ALA B 213 -18.31 5.77 -6.76
N VAL B 214 -18.89 5.83 -5.56
CA VAL B 214 -20.04 6.67 -5.31
C VAL B 214 -19.71 8.15 -5.49
N LYS B 215 -18.55 8.54 -5.01
CA LYS B 215 -18.12 9.94 -5.11
C LYS B 215 -17.97 10.37 -6.55
N GLY B 216 -17.41 9.48 -7.37
CA GLY B 216 -17.16 9.80 -8.76
C GLY B 216 -18.45 10.08 -9.50
N LEU B 217 -19.47 9.29 -9.22
CA LEU B 217 -20.74 9.45 -9.91
C LEU B 217 -21.26 10.86 -9.64
N ASN B 218 -21.15 11.28 -8.39
CA ASN B 218 -21.62 12.61 -7.98
C ASN B 218 -20.91 13.81 -8.59
N GLU B 219 -19.58 13.75 -8.70
CA GLU B 219 -18.88 14.88 -9.30
C GLU B 219 -19.22 14.96 -10.78
N SER B 220 -19.22 13.80 -11.43
CA SER B 220 -19.76 13.63 -12.77
C SER B 220 -21.18 14.16 -12.86
O1 X8Z C . 7.71 5.05 -0.30
C4 X8Z C . 7.07 4.73 0.67
C2 X8Z C . 6.85 5.77 1.75
C1 X8Z C . 8.10 5.94 2.57
S X8Z C . 7.96 4.98 4.06
C3 X8Z C . 6.51 7.08 1.08
N X8Z C . 6.54 3.41 0.74
C8 X8Z C . 5.79 2.95 1.79
C9 X8Z C . 6.66 2.20 2.78
O3 X8Z C . 6.24 1.96 3.94
O2 X8Z C . 7.82 1.83 2.44
C5 X8Z C . 6.77 2.54 -0.28
C6 X8Z C . 5.65 1.53 -0.19
C7 X8Z C . 4.80 2.05 1.02
S SO4 D . -11.15 20.81 18.22
O1 SO4 D . -10.11 19.85 17.83
O2 SO4 D . -11.46 20.66 19.65
O3 SO4 D . -12.37 20.56 17.42
O4 SO4 D . -10.68 22.17 17.96
S SO4 E . -4.00 13.20 25.60
O1 SO4 E . -3.72 13.09 24.17
O2 SO4 E . -5.14 12.31 25.94
O3 SO4 E . -4.38 14.59 25.94
O4 SO4 E . -2.81 12.81 26.38
S SO4 F . -11.89 23.99 7.41
O1 SO4 F . -12.71 22.89 7.92
O2 SO4 F . -11.07 24.55 8.49
O3 SO4 F . -11.02 23.49 6.34
O4 SO4 F . -12.76 25.04 6.86
ZN ZN G . 9.81 5.28 5.29
ZN ZN H . 6.24 5.74 5.25
ZN ZN I . -4.03 -1.14 -14.73
ZN ZN J . -6.84 -0.71 -16.94
#